data_8GC0
#
_entry.id   8GC0
#
_cell.length_a   39.810
_cell.length_b   69.219
_cell.length_c   81.643
_cell.angle_alpha   90.000
_cell.angle_beta   94.276
_cell.angle_gamma   90.000
#
_symmetry.space_group_name_H-M   'P 1 21 1'
#
loop_
_entity.id
_entity.type
_entity.pdbx_description
1 polymer 'PC39-50L Fab heavy chain'
2 polymer 'PC39-50L Fab light chain'
3 non-polymer 2-acetamido-2-deoxy-beta-D-glucopyranose
4 water water
#
loop_
_entity_poly.entity_id
_entity_poly.type
_entity_poly.pdbx_seq_one_letter_code
_entity_poly.pdbx_strand_id
1 'polypeptide(L)'
;QVQLQQWGAGLLNSSETLSLTCAIYGESFTGSWNDQLWNWIRQPPGKGLEWIGEIDHSENRRYQPSLKGRVTISVDRSKN
QISLKMRAVSVADTAVYYCVRGRRATQWWAVEPPANYGFDVWGQGTPVSVSSASTKGPSVFPLAPSSKSTSGGTAALGCL
VKDYFPEPVTVSWNSGALTSGVHTFPAVLQSSGLYSLSSVVTVPSSSLGTQTYICNVNHKPSNTKVDKRVEPKSCD
;
H
2 'polypeptide(L)'
;EIVLTQSPGTLSLSPGDRATLSCRASQTIASTYVAWYQQKPGQAPRLLLHQGYNRATGVPDRFSGSGSGTAYSLTISSLE
PDDFAVYYCQHFGTSPPYSFGQGTKVDIKRTVAAPSVFIFPPSDEQLKSGTASVVCLLNNFYPREAKVQWKVDNALQSGN
SQESVTEQDSKDSTYSLSSTLTLSKADYEKHKVYACEVTHQGLSSPVTKSFNRGEC
;
L
#
loop_
_chem_comp.id
_chem_comp.type
_chem_comp.name
_chem_comp.formula
NAG D-saccharide, beta linking 2-acetamido-2-deoxy-beta-D-glucopyranose 'C8 H15 N O6'
#
# COMPACT_ATOMS: atom_id res chain seq x y z
N GLN A 1 -15.70 -16.18 -20.56
CA GLN A 1 -15.56 -15.21 -19.50
C GLN A 1 -15.09 -15.87 -18.20
N VAL A 2 -13.78 -15.98 -18.03
CA VAL A 2 -13.21 -16.61 -16.85
C VAL A 2 -13.33 -15.67 -15.67
N GLN A 3 -13.92 -16.16 -14.58
CA GLN A 3 -14.15 -15.36 -13.38
C GLN A 3 -13.67 -16.13 -12.15
N LEU A 4 -13.10 -15.40 -11.20
CA LEU A 4 -12.63 -15.98 -9.93
C LEU A 4 -13.22 -15.15 -8.80
N GLN A 5 -14.10 -15.76 -8.01
CA GLN A 5 -14.67 -15.11 -6.84
C GLN A 5 -14.10 -15.74 -5.58
N GLN A 6 -13.75 -14.89 -4.63
CA GLN A 6 -13.07 -15.31 -3.41
C GLN A 6 -13.93 -15.01 -2.19
N TRP A 7 -13.84 -15.88 -1.20
CA TRP A 7 -14.46 -15.65 0.10
C TRP A 7 -13.64 -16.38 1.16
N GLY A 8 -14.04 -16.20 2.40
CA GLY A 8 -13.31 -16.78 3.52
C GLY A 8 -13.03 -15.71 4.56
N ALA A 9 -12.85 -16.16 5.81
CA ALA A 9 -12.64 -15.24 6.92
C ALA A 9 -11.28 -14.56 6.81
N GLY A 10 -11.27 -13.24 6.78
CA GLY A 10 -10.05 -12.46 6.71
C GLY A 10 -9.58 -11.89 8.02
N LEU A 11 -10.32 -12.07 9.11
CA LEU A 11 -9.95 -11.56 10.43
C LEU A 11 -9.65 -12.75 11.33
N LEU A 12 -8.38 -12.88 11.71
CA LEU A 12 -7.91 -14.02 12.49
C LEU A 12 -7.01 -13.55 13.63
N ASN A 13 -7.05 -14.29 14.72
CA ASN A 13 -6.11 -14.08 15.82
C ASN A 13 -4.73 -14.59 15.42
N SER A 14 -3.76 -14.37 16.30
CA SER A 14 -2.42 -14.90 16.08
C SER A 14 -2.45 -16.43 16.13
N SER A 15 -1.64 -17.06 15.27
CA SER A 15 -1.44 -18.50 15.15
C SER A 15 -2.67 -19.26 14.65
N GLU A 16 -3.75 -18.58 14.28
CA GLU A 16 -4.90 -19.28 13.75
C GLU A 16 -4.64 -19.72 12.31
N THR A 17 -5.56 -20.54 11.78
CA THR A 17 -5.42 -21.12 10.46
C THR A 17 -6.24 -20.32 9.46
N LEU A 18 -5.56 -19.65 8.52
CA LEU A 18 -6.25 -18.96 7.45
C LEU A 18 -6.91 -19.97 6.52
N SER A 19 -8.14 -19.66 6.11
CA SER A 19 -8.90 -20.57 5.24
C SER A 19 -9.64 -19.72 4.21
N LEU A 20 -9.11 -19.69 2.99
CA LEU A 20 -9.72 -18.99 1.88
C LEU A 20 -10.17 -19.98 0.83
N THR A 21 -11.21 -19.60 0.07
CA THR A 21 -11.75 -20.43 -0.99
C THR A 21 -11.91 -19.60 -2.25
N CYS A 22 -11.62 -20.21 -3.40
CA CYS A 22 -11.73 -19.55 -4.69
C CYS A 22 -12.55 -20.42 -5.62
N ALA A 23 -13.63 -19.87 -6.17
CA ALA A 23 -14.52 -20.59 -7.06
C ALA A 23 -14.23 -20.17 -8.50
N ILE A 24 -13.94 -21.15 -9.35
CA ILE A 24 -13.63 -20.91 -10.75
C ILE A 24 -14.93 -20.88 -11.56
N TYR A 25 -15.10 -19.84 -12.36
CA TYR A 25 -16.20 -19.74 -13.31
C TYR A 25 -15.65 -19.39 -14.68
N GLY A 26 -16.31 -19.92 -15.71
CA GLY A 26 -15.92 -19.68 -17.09
C GLY A 26 -14.85 -20.60 -17.63
N GLU A 27 -14.38 -21.55 -16.83
CA GLU A 27 -13.26 -22.39 -17.21
C GLU A 27 -13.27 -23.64 -16.34
N SER A 28 -12.62 -24.68 -16.84
CA SER A 28 -12.45 -25.91 -16.08
C SER A 28 -11.13 -25.89 -15.31
N PHE A 29 -11.03 -26.77 -14.32
CA PHE A 29 -9.81 -26.86 -13.52
C PHE A 29 -8.59 -27.14 -14.39
N THR A 30 -8.73 -28.03 -15.37
CA THR A 30 -7.62 -28.38 -16.24
C THR A 30 -7.51 -27.46 -17.45
N GLY A 31 -8.63 -26.91 -17.92
CA GLY A 31 -8.66 -26.22 -19.19
C GLY A 31 -8.80 -27.19 -20.34
N SER A 32 -9.01 -26.64 -21.53
CA SER A 32 -9.20 -27.48 -22.71
C SER A 32 -7.93 -28.20 -23.13
N TRP A 33 -6.76 -27.70 -22.74
CA TRP A 33 -5.49 -28.26 -23.21
C TRP A 33 -4.52 -28.51 -22.04
N ASN A 34 -5.06 -28.75 -20.85
CA ASN A 34 -4.26 -29.11 -19.67
C ASN A 34 -3.12 -28.13 -19.44
N ASP A 35 -3.45 -26.84 -19.42
CA ASP A 35 -2.45 -25.79 -19.28
C ASP A 35 -2.76 -24.84 -18.12
N GLN A 36 -3.79 -25.12 -17.33
CA GLN A 36 -4.23 -24.16 -16.31
C GLN A 36 -3.38 -24.25 -15.06
N LEU A 37 -3.02 -23.09 -14.53
CA LEU A 37 -2.23 -22.97 -13.31
C LEU A 37 -2.97 -22.05 -12.35
N TRP A 38 -3.38 -22.59 -11.21
CA TRP A 38 -4.20 -21.87 -10.24
C TRP A 38 -3.30 -21.44 -9.09
N ASN A 39 -3.11 -20.13 -8.93
CA ASN A 39 -2.12 -19.58 -8.02
C ASN A 39 -2.77 -18.69 -6.97
N TRP A 40 -2.09 -18.58 -5.83
CA TRP A 40 -2.44 -17.64 -4.77
C TRP A 40 -1.29 -16.66 -4.61
N ILE A 41 -1.57 -15.37 -4.80
CA ILE A 41 -0.57 -14.32 -4.70
C ILE A 41 -1.09 -13.27 -3.72
N ARG A 42 -0.24 -12.87 -2.78
CA ARG A 42 -0.62 -11.89 -1.78
C ARG A 42 0.18 -10.61 -1.96
N GLN A 43 -0.35 -9.53 -1.37
CA GLN A 43 0.27 -8.21 -1.46
C GLN A 43 0.17 -7.56 -0.08
N PRO A 44 1.24 -7.62 0.72
CA PRO A 44 1.20 -6.96 2.02
C PRO A 44 1.01 -5.47 1.86
N PRO A 45 0.44 -4.81 2.87
CA PRO A 45 0.12 -3.37 2.75
C PRO A 45 1.36 -2.54 2.42
N GLY A 46 1.32 -1.90 1.24
CA GLY A 46 2.39 -1.04 0.81
C GLY A 46 3.50 -1.70 0.03
N LYS A 47 3.58 -3.02 0.03
CA LYS A 47 4.62 -3.75 -0.66
C LYS A 47 4.10 -4.28 -2.00
N GLY A 48 4.90 -5.13 -2.63
CA GLY A 48 4.58 -5.67 -3.94
C GLY A 48 3.84 -6.99 -3.86
N LEU A 49 3.97 -7.76 -4.94
CA LEU A 49 3.28 -9.04 -5.08
C LEU A 49 4.20 -10.18 -4.65
N GLU A 50 3.69 -11.05 -3.79
CA GLU A 50 4.44 -12.19 -3.29
C GLU A 50 3.70 -13.47 -3.62
N TRP A 51 4.35 -14.36 -4.37
CA TRP A 51 3.73 -15.63 -4.72
C TRP A 51 3.72 -16.57 -3.52
N ILE A 52 2.63 -17.32 -3.39
CA ILE A 52 2.41 -18.21 -2.23
C ILE A 52 2.41 -19.67 -2.66
N GLY A 53 1.54 -20.04 -3.59
CA GLY A 53 1.43 -21.44 -3.97
C GLY A 53 0.67 -21.58 -5.27
N GLU A 54 0.69 -22.81 -5.79
CA GLU A 54 0.07 -23.13 -7.06
C GLU A 54 -0.39 -24.58 -7.05
N ILE A 55 -1.53 -24.84 -7.68
CA ILE A 55 -1.97 -26.19 -8.03
C ILE A 55 -2.27 -26.20 -9.52
N ASP A 56 -1.70 -27.18 -10.23
CA ASP A 56 -1.81 -27.22 -11.68
C ASP A 56 -2.96 -28.13 -12.11
N HIS A 57 -3.07 -28.35 -13.41
CA HIS A 57 -4.13 -29.20 -13.94
C HIS A 57 -4.02 -30.64 -13.45
N SER A 58 -2.81 -31.08 -13.11
CA SER A 58 -2.58 -32.42 -12.60
C SER A 58 -2.75 -32.51 -11.09
N GLU A 59 -3.21 -31.44 -10.45
CA GLU A 59 -3.36 -31.33 -8.99
C GLU A 59 -2.02 -31.44 -8.27
N ASN A 60 -0.92 -31.18 -8.96
CA ASN A 60 0.38 -31.04 -8.32
C ASN A 60 0.48 -29.68 -7.65
N ARG A 61 1.06 -29.66 -6.45
CA ARG A 61 1.12 -28.45 -5.63
C ARG A 61 2.57 -28.07 -5.39
N ARG A 62 2.87 -26.78 -5.61
CA ARG A 62 4.17 -26.20 -5.31
C ARG A 62 3.96 -24.93 -4.51
N TYR A 63 4.67 -24.79 -3.39
CA TYR A 63 4.47 -23.70 -2.47
C TYR A 63 5.71 -22.82 -2.38
N GLN A 64 5.50 -21.59 -1.92
CA GLN A 64 6.61 -20.69 -1.61
C GLN A 64 7.46 -21.30 -0.51
N PRO A 65 8.76 -21.52 -0.73
CA PRO A 65 9.58 -22.17 0.30
C PRO A 65 9.75 -21.34 1.56
N SER A 66 9.70 -20.01 1.45
CA SER A 66 9.89 -19.15 2.62
C SER A 66 8.78 -19.32 3.65
N LEU A 67 7.60 -19.79 3.23
CA LEU A 67 6.49 -20.05 4.13
C LEU A 67 6.60 -21.41 4.80
N LYS A 68 7.74 -22.09 4.65
CA LYS A 68 7.90 -23.47 5.12
C LYS A 68 6.76 -24.34 4.60
N GLY A 69 6.17 -25.10 5.51
CA GLY A 69 5.07 -25.98 5.15
C GLY A 69 3.74 -25.48 5.66
N ARG A 70 3.67 -24.20 6.03
CA ARG A 70 2.46 -23.64 6.63
C ARG A 70 1.31 -23.50 5.64
N VAL A 71 1.56 -23.66 4.34
CA VAL A 71 0.56 -23.44 3.31
C VAL A 71 0.14 -24.78 2.72
N THR A 72 -1.16 -24.95 2.51
CA THR A 72 -1.71 -26.09 1.80
C THR A 72 -2.76 -25.59 0.82
N ILE A 73 -2.68 -26.06 -0.42
CA ILE A 73 -3.65 -25.71 -1.46
C ILE A 73 -4.30 -26.98 -1.95
N SER A 74 -5.63 -27.03 -1.88
CA SER A 74 -6.40 -28.17 -2.35
C SER A 74 -7.48 -27.68 -3.31
N VAL A 75 -8.21 -28.62 -3.89
CA VAL A 75 -9.26 -28.31 -4.85
C VAL A 75 -10.43 -29.27 -4.64
N ASP A 76 -11.64 -28.73 -4.73
CA ASP A 76 -12.87 -29.53 -4.72
C ASP A 76 -13.32 -29.63 -6.18
N ARG A 77 -12.88 -30.70 -6.85
CA ARG A 77 -13.15 -30.83 -8.28
C ARG A 77 -14.65 -30.88 -8.58
N SER A 78 -15.44 -31.40 -7.64
CA SER A 78 -16.89 -31.43 -7.86
C SER A 78 -17.49 -30.03 -7.88
N LYS A 79 -16.88 -29.08 -7.17
CA LYS A 79 -17.36 -27.71 -7.13
C LYS A 79 -16.51 -26.74 -7.94
N ASN A 80 -15.39 -27.20 -8.50
CA ASN A 80 -14.44 -26.33 -9.21
C ASN A 80 -13.96 -25.19 -8.30
N GLN A 81 -13.64 -25.53 -7.05
CA GLN A 81 -13.21 -24.56 -6.05
C GLN A 81 -11.83 -24.92 -5.53
N ILE A 82 -10.98 -23.92 -5.40
CA ILE A 82 -9.65 -24.07 -4.82
C ILE A 82 -9.67 -23.47 -3.43
N SER A 83 -8.99 -24.12 -2.49
CA SER A 83 -8.89 -23.64 -1.12
C SER A 83 -7.45 -23.36 -0.77
N LEU A 84 -7.23 -22.26 -0.06
CA LEU A 84 -5.92 -21.90 0.49
C LEU A 84 -5.99 -21.95 2.01
N LYS A 85 -5.08 -22.71 2.62
CA LYS A 85 -4.96 -22.76 4.06
C LYS A 85 -3.55 -22.40 4.48
N MET A 86 -3.44 -21.44 5.38
CA MET A 86 -2.16 -21.02 5.95
C MET A 86 -2.22 -21.19 7.46
N ARG A 87 -1.29 -21.97 8.01
CA ARG A 87 -1.29 -22.32 9.41
C ARG A 87 -0.36 -21.41 10.21
N ALA A 88 -0.72 -21.18 11.46
CA ALA A 88 0.07 -20.39 12.41
C ALA A 88 0.39 -19.01 11.84
N VAL A 89 -0.69 -18.25 11.57
CA VAL A 89 -0.54 -16.94 10.95
C VAL A 89 0.15 -15.98 11.93
N SER A 90 0.97 -15.11 11.37
CA SER A 90 1.63 -14.04 12.10
C SER A 90 1.12 -12.70 11.58
N VAL A 91 1.52 -11.63 12.27
CA VAL A 91 1.20 -10.28 11.78
C VAL A 91 1.86 -10.05 10.42
N ALA A 92 2.91 -10.81 10.10
CA ALA A 92 3.54 -10.70 8.80
C ALA A 92 2.66 -11.26 7.68
N ASP A 93 1.73 -12.15 7.99
CA ASP A 93 0.86 -12.74 6.99
C ASP A 93 -0.34 -11.87 6.65
N THR A 94 -0.43 -10.67 7.23
CA THR A 94 -1.51 -9.74 6.92
C THR A 94 -1.31 -9.16 5.53
N ALA A 95 -2.27 -9.39 4.63
CA ALA A 95 -2.16 -8.93 3.26
C ALA A 95 -3.50 -9.17 2.55
N VAL A 96 -3.58 -8.65 1.33
CA VAL A 96 -4.66 -8.98 0.41
C VAL A 96 -4.25 -10.21 -0.38
N TYR A 97 -5.09 -11.23 -0.39
CA TYR A 97 -4.77 -12.51 -0.98
C TYR A 97 -5.57 -12.69 -2.27
N TYR A 98 -4.86 -12.79 -3.39
CA TYR A 98 -5.48 -12.88 -4.71
C TYR A 98 -5.52 -14.34 -5.18
N CYS A 99 -6.64 -14.71 -5.78
CA CYS A 99 -6.75 -15.95 -6.54
C CYS A 99 -6.49 -15.62 -8.00
N VAL A 100 -5.49 -16.27 -8.60
CA VAL A 100 -4.99 -15.89 -9.92
C VAL A 100 -4.97 -17.11 -10.83
N ARG A 101 -5.28 -16.90 -12.10
CA ARG A 101 -5.23 -17.95 -13.12
C ARG A 101 -4.00 -17.74 -14.00
N GLY A 102 -3.15 -18.77 -14.08
CA GLY A 102 -1.99 -18.76 -14.94
C GLY A 102 -2.12 -19.82 -16.02
N ARG A 103 -1.15 -19.82 -16.94
CA ARG A 103 -1.19 -20.74 -18.06
C ARG A 103 0.21 -21.10 -18.50
N ARG A 104 0.40 -22.37 -18.84
CA ARG A 104 1.65 -22.86 -19.41
C ARG A 104 1.33 -24.05 -20.29
N ALA A 105 1.62 -23.93 -21.59
CA ALA A 105 1.29 -25.00 -22.53
C ALA A 105 2.05 -26.28 -22.19
N THR A 106 1.33 -27.40 -22.22
CA THR A 106 1.90 -28.70 -21.89
C THR A 106 1.77 -29.75 -22.99
N GLN A 107 0.87 -29.55 -23.94
CA GLN A 107 0.62 -30.53 -25.00
C GLN A 107 1.31 -30.06 -26.27
N TRP A 108 2.23 -30.88 -26.80
CA TRP A 108 3.05 -30.46 -27.93
C TRP A 108 2.22 -30.28 -29.20
N TRP A 109 1.17 -31.07 -29.38
CA TRP A 109 0.31 -30.95 -30.54
C TRP A 109 -0.63 -29.75 -30.47
N ALA A 110 -0.61 -28.99 -29.38
CA ALA A 110 -1.55 -27.91 -29.16
C ALA A 110 -0.95 -26.58 -29.57
N VAL A 111 -1.82 -25.65 -29.98
CA VAL A 111 -1.41 -24.30 -30.31
C VAL A 111 -1.01 -23.56 -29.04
N GLU A 112 -0.10 -22.61 -29.18
CA GLU A 112 0.30 -21.79 -28.04
C GLU A 112 -0.92 -21.01 -27.55
N PRO A 113 -1.26 -21.10 -26.27
CA PRO A 113 -2.51 -20.51 -25.78
C PRO A 113 -2.36 -19.04 -25.50
N PRO A 114 -3.47 -18.30 -25.38
CA PRO A 114 -3.37 -16.89 -25.00
C PRO A 114 -2.86 -16.74 -23.58
N ALA A 115 -2.10 -15.67 -23.35
CA ALA A 115 -1.50 -15.38 -22.05
C ALA A 115 -0.64 -16.53 -21.56
N ASN A 116 0.03 -17.21 -22.49
CA ASN A 116 0.96 -18.28 -22.12
C ASN A 116 2.08 -17.69 -21.27
N TYR A 117 2.34 -18.35 -20.13
CA TYR A 117 3.30 -17.86 -19.14
C TYR A 117 2.90 -16.47 -18.65
N GLY A 118 1.63 -16.33 -18.27
CA GLY A 118 1.12 -15.06 -17.81
C GLY A 118 -0.10 -15.17 -16.93
N PHE A 119 -0.16 -14.34 -15.88
CA PHE A 119 -1.31 -14.28 -14.97
C PHE A 119 -2.33 -13.31 -15.54
N ASP A 120 -3.27 -13.82 -16.34
CA ASP A 120 -4.17 -12.94 -17.08
C ASP A 120 -5.45 -12.59 -16.32
N VAL A 121 -5.92 -13.47 -15.44
CA VAL A 121 -7.16 -13.24 -14.71
C VAL A 121 -6.86 -13.26 -13.21
N TRP A 122 -7.27 -12.20 -12.52
CA TRP A 122 -7.09 -12.06 -11.09
C TRP A 122 -8.44 -11.88 -10.41
N GLY A 123 -8.63 -12.57 -9.30
CA GLY A 123 -9.79 -12.31 -8.47
C GLY A 123 -9.69 -10.95 -7.81
N GLN A 124 -10.82 -10.50 -7.24
CA GLN A 124 -10.82 -9.21 -6.57
C GLN A 124 -10.00 -9.22 -5.29
N GLY A 125 -9.65 -10.39 -4.77
CA GLY A 125 -8.84 -10.47 -3.57
C GLY A 125 -9.68 -10.43 -2.31
N THR A 126 -9.14 -11.02 -1.25
CA THR A 126 -9.76 -11.01 0.07
C THR A 126 -8.78 -10.38 1.06
N PRO A 127 -9.13 -9.23 1.67
CA PRO A 127 -8.23 -8.64 2.66
C PRO A 127 -8.16 -9.49 3.91
N VAL A 128 -6.93 -9.78 4.35
CA VAL A 128 -6.68 -10.58 5.54
C VAL A 128 -5.89 -9.72 6.52
N SER A 129 -6.40 -9.63 7.75
CA SER A 129 -5.74 -8.88 8.82
C SER A 129 -5.58 -9.79 10.03
N VAL A 130 -4.33 -10.09 10.38
CA VAL A 130 -4.04 -10.90 11.56
C VAL A 130 -3.82 -9.97 12.74
N SER A 131 -4.53 -10.23 13.83
CA SER A 131 -4.47 -9.41 15.04
C SER A 131 -5.18 -10.15 16.16
N SER A 132 -4.77 -9.84 17.40
CA SER A 132 -5.45 -10.38 18.57
C SER A 132 -6.61 -9.51 19.02
N ALA A 133 -6.78 -8.33 18.43
CA ALA A 133 -7.82 -7.41 18.86
C ALA A 133 -9.18 -7.83 18.32
N SER A 134 -10.22 -7.52 19.09
CA SER A 134 -11.59 -7.69 18.62
C SER A 134 -12.06 -6.40 17.97
N THR A 135 -13.30 -6.39 17.48
CA THR A 135 -13.86 -5.20 16.88
C THR A 135 -13.89 -4.05 17.88
N LYS A 136 -13.07 -3.03 17.64
CA LYS A 136 -12.89 -1.95 18.60
C LYS A 136 -13.02 -0.60 17.88
N GLY A 137 -13.88 0.27 18.41
CA GLY A 137 -13.99 1.62 17.91
C GLY A 137 -12.76 2.42 18.24
N PRO A 138 -12.46 3.42 17.42
CA PRO A 138 -11.23 4.19 17.61
C PRO A 138 -11.36 5.24 18.70
N SER A 139 -10.20 5.67 19.20
CA SER A 139 -10.10 6.82 20.08
C SER A 139 -9.62 8.00 19.26
N VAL A 140 -10.46 9.02 19.14
CA VAL A 140 -10.18 10.18 18.29
C VAL A 140 -9.55 11.25 19.15
N PHE A 141 -8.24 11.45 18.98
CA PHE A 141 -7.48 12.45 19.70
C PHE A 141 -7.22 13.66 18.80
N PRO A 142 -7.19 14.86 19.37
CA PRO A 142 -6.95 16.06 18.55
C PRO A 142 -5.49 16.25 18.20
N LEU A 143 -5.24 16.66 16.95
CA LEU A 143 -3.94 17.17 16.53
C LEU A 143 -4.05 18.69 16.58
N ALA A 144 -3.86 19.22 17.78
CA ALA A 144 -4.17 20.62 18.04
C ALA A 144 -3.14 21.54 17.38
N PRO A 145 -3.56 22.59 16.68
CA PRO A 145 -2.61 23.52 16.10
C PRO A 145 -2.01 24.45 17.15
N SER A 146 -0.78 24.87 16.89
CA SER A 146 -0.04 25.72 17.81
C SER A 146 1.06 26.44 17.03
N SER A 147 1.92 27.15 17.75
CA SER A 147 3.06 27.81 17.11
C SER A 147 4.06 26.83 16.52
N LYS A 148 3.90 25.53 16.78
CA LYS A 148 4.76 24.50 16.22
C LYS A 148 4.15 23.84 14.99
N SER A 149 3.01 24.34 14.52
CA SER A 149 2.36 23.82 13.32
C SER A 149 1.82 24.98 12.48
N THR A 150 2.70 25.94 12.19
CA THR A 150 2.34 27.09 11.37
C THR A 150 3.44 27.33 10.34
N SER A 151 3.07 27.34 9.06
CA SER A 151 3.99 27.66 7.97
C SER A 151 3.47 28.92 7.29
N GLY A 152 4.22 30.01 7.43
CA GLY A 152 3.75 31.31 6.98
C GLY A 152 2.49 31.74 7.70
N GLY A 153 1.43 31.99 6.94
CA GLY A 153 0.12 32.27 7.50
C GLY A 153 -0.78 31.07 7.64
N THR A 154 -0.28 29.86 7.38
CA THR A 154 -1.10 28.66 7.34
C THR A 154 -0.86 27.81 8.58
N ALA A 155 -1.94 27.43 9.26
CA ALA A 155 -1.89 26.49 10.36
C ALA A 155 -2.36 25.12 9.90
N ALA A 156 -1.90 24.08 10.61
CA ALA A 156 -2.29 22.72 10.33
C ALA A 156 -2.93 22.11 11.56
N LEU A 157 -4.00 21.34 11.36
CA LEU A 157 -4.71 20.69 12.44
C LEU A 157 -5.32 19.40 11.92
N GLY A 158 -5.71 18.53 12.83
CA GLY A 158 -6.32 17.29 12.41
C GLY A 158 -6.72 16.43 13.59
N CYS A 159 -7.05 15.17 13.26
CA CYS A 159 -7.44 14.17 14.24
C CYS A 159 -6.62 12.90 14.03
N LEU A 160 -6.29 12.25 15.14
CA LEU A 160 -5.62 10.96 15.11
C LEU A 160 -6.66 9.89 15.43
N VAL A 161 -7.03 9.11 14.41
CA VAL A 161 -7.98 8.02 14.57
C VAL A 161 -7.16 6.78 14.91
N LYS A 162 -7.05 6.47 16.21
CA LYS A 162 -6.08 5.50 16.68
C LYS A 162 -6.78 4.31 17.33
N ASP A 163 -6.15 3.13 17.17
CA ASP A 163 -6.51 1.91 17.89
C ASP A 163 -7.94 1.47 17.57
N TYR A 164 -8.18 1.19 16.28
CA TYR A 164 -9.43 0.61 15.84
C TYR A 164 -9.14 -0.67 15.06
N PHE A 165 -10.18 -1.48 14.91
CA PHE A 165 -10.08 -2.76 14.20
C PHE A 165 -11.47 -3.29 13.86
N PRO A 166 -11.70 -3.73 12.63
CA PRO A 166 -10.71 -3.65 11.55
C PRO A 166 -10.90 -2.41 10.70
N GLU A 167 -10.30 -2.40 9.50
CA GLU A 167 -10.61 -1.39 8.52
C GLU A 167 -12.10 -1.50 8.13
N PRO A 168 -12.68 -0.40 7.64
CA PRO A 168 -12.12 0.94 7.51
C PRO A 168 -12.79 1.97 8.42
N VAL A 169 -12.29 3.20 8.39
CA VAL A 169 -12.97 4.34 8.98
C VAL A 169 -13.12 5.40 7.90
N THR A 170 -14.09 6.29 8.10
CA THR A 170 -14.28 7.45 7.25
C THR A 170 -14.16 8.71 8.10
N VAL A 171 -13.47 9.71 7.56
CA VAL A 171 -13.26 10.98 8.24
C VAL A 171 -13.77 12.10 7.36
N SER A 172 -14.48 13.05 7.97
CA SER A 172 -14.90 14.26 7.28
C SER A 172 -14.76 15.42 8.25
N TRP A 173 -14.78 16.64 7.71
CA TRP A 173 -14.59 17.85 8.50
C TRP A 173 -15.81 18.74 8.37
N ASN A 174 -16.34 19.18 9.51
CA ASN A 174 -17.52 20.04 9.58
C ASN A 174 -18.67 19.46 8.76
N SER A 175 -18.91 18.16 8.96
CA SER A 175 -20.00 17.44 8.29
C SER A 175 -19.88 17.54 6.77
N GLY A 176 -18.65 17.54 6.27
CA GLY A 176 -18.39 17.61 4.86
C GLY A 176 -18.33 19.01 4.28
N ALA A 177 -18.58 20.04 5.08
CA ALA A 177 -18.53 21.42 4.61
C ALA A 177 -17.11 21.93 4.42
N LEU A 178 -16.11 21.23 4.94
CA LEU A 178 -14.70 21.60 4.79
C LEU A 178 -13.98 20.47 4.08
N THR A 179 -13.60 20.72 2.82
CA THR A 179 -12.94 19.69 2.01
C THR A 179 -11.63 20.22 1.42
N SER A 180 -11.57 21.52 1.17
CA SER A 180 -10.38 22.11 0.56
C SER A 180 -9.19 21.98 1.49
N GLY A 181 -8.08 21.46 0.97
CA GLY A 181 -6.87 21.32 1.74
C GLY A 181 -6.88 20.20 2.75
N VAL A 182 -7.83 19.28 2.67
CA VAL A 182 -7.92 18.15 3.59
C VAL A 182 -7.11 16.98 3.05
N HIS A 183 -6.44 16.27 3.95
CA HIS A 183 -5.69 15.06 3.60
C HIS A 183 -5.97 14.00 4.65
N THR A 184 -6.62 12.91 4.24
CA THR A 184 -6.83 11.75 5.10
C THR A 184 -5.93 10.64 4.61
N PHE A 185 -5.01 10.21 5.46
CA PHE A 185 -3.96 9.28 5.09
C PHE A 185 -4.41 7.83 5.24
N PRO A 186 -3.91 6.93 4.41
CA PRO A 186 -4.18 5.51 4.61
C PRO A 186 -3.66 5.04 5.96
N ALA A 187 -4.42 4.16 6.59
CA ALA A 187 -4.06 3.68 7.92
C ALA A 187 -2.79 2.84 7.86
N VAL A 188 -2.14 2.71 9.01
CA VAL A 188 -1.00 1.83 9.19
C VAL A 188 -1.37 0.75 10.19
N LEU A 189 -0.81 -0.44 10.00
CA LEU A 189 -1.08 -1.56 10.88
C LEU A 189 -0.05 -1.55 12.00
N GLN A 190 -0.49 -1.20 13.21
CA GLN A 190 0.40 -1.14 14.35
C GLN A 190 0.89 -2.53 14.72
N SER A 191 1.93 -2.56 15.58
CA SER A 191 2.46 -3.84 16.04
C SER A 191 1.43 -4.63 16.83
N SER A 192 0.52 -3.94 17.52
CA SER A 192 -0.52 -4.60 18.30
C SER A 192 -1.61 -5.23 17.44
N GLY A 193 -1.60 -4.98 16.13
CA GLY A 193 -2.64 -5.47 15.25
C GLY A 193 -3.78 -4.51 15.04
N LEU A 194 -3.89 -3.46 15.84
CA LEU A 194 -4.89 -2.42 15.64
C LEU A 194 -4.46 -1.50 14.48
N TYR A 195 -5.39 -0.68 14.03
CA TYR A 195 -5.14 0.26 12.96
C TYR A 195 -5.12 1.69 13.51
N SER A 196 -4.58 2.60 12.71
CA SER A 196 -4.41 3.98 13.12
C SER A 196 -4.10 4.86 11.90
N LEU A 197 -4.89 5.90 11.69
CA LEU A 197 -4.63 6.85 10.61
C LEU A 197 -4.80 8.27 11.14
N SER A 198 -4.33 9.23 10.35
CA SER A 198 -4.44 10.64 10.67
C SER A 198 -5.11 11.37 9.53
N SER A 199 -6.00 12.31 9.87
CA SER A 199 -6.66 13.17 8.88
C SER A 199 -6.39 14.61 9.28
N VAL A 200 -5.82 15.38 8.36
CA VAL A 200 -5.35 16.73 8.63
C VAL A 200 -5.97 17.71 7.64
N VAL A 201 -5.82 18.99 7.93
CA VAL A 201 -6.29 20.07 7.06
C VAL A 201 -5.50 21.32 7.38
N THR A 202 -5.09 22.04 6.34
CA THR A 202 -4.40 23.31 6.48
C THR A 202 -5.40 24.45 6.32
N VAL A 203 -5.29 25.43 7.22
CA VAL A 203 -6.22 26.56 7.26
C VAL A 203 -5.45 27.83 7.59
N PRO A 204 -6.00 28.98 7.26
CA PRO A 204 -5.37 30.24 7.70
C PRO A 204 -5.33 30.32 9.21
N SER A 205 -4.19 30.77 9.74
CA SER A 205 -3.99 30.81 11.19
C SER A 205 -5.06 31.64 11.88
N SER A 206 -5.47 32.77 11.26
CA SER A 206 -6.45 33.64 11.88
C SER A 206 -7.82 32.99 12.01
N SER A 207 -8.13 31.99 11.17
CA SER A 207 -9.42 31.32 11.27
C SER A 207 -9.52 30.44 12.51
N LEU A 208 -8.43 30.24 13.24
CA LEU A 208 -8.48 29.42 14.45
C LEU A 208 -9.31 30.08 15.56
N GLY A 209 -9.54 31.39 15.48
CA GLY A 209 -10.34 32.07 16.46
C GLY A 209 -11.70 32.51 15.93
N THR A 210 -12.00 32.14 14.69
CA THR A 210 -13.27 32.51 14.06
C THR A 210 -14.01 31.33 13.44
N GLN A 211 -13.42 30.14 13.39
CA GLN A 211 -14.06 28.98 12.79
C GLN A 211 -13.84 27.76 13.66
N THR A 212 -14.90 27.01 13.91
CA THR A 212 -14.78 25.73 14.59
C THR A 212 -14.36 24.65 13.61
N TYR A 213 -13.59 23.68 14.11
CA TYR A 213 -13.11 22.57 13.30
C TYR A 213 -13.42 21.27 14.01
N ILE A 214 -14.18 20.41 13.34
CA ILE A 214 -14.64 19.15 13.90
C ILE A 214 -14.38 18.04 12.87
N CYS A 215 -13.69 16.99 13.30
CA CYS A 215 -13.51 15.81 12.47
C CYS A 215 -14.63 14.82 12.77
N ASN A 216 -15.33 14.39 11.73
CA ASN A 216 -16.42 13.43 11.86
C ASN A 216 -15.90 12.06 11.50
N VAL A 217 -15.75 11.20 12.51
CA VAL A 217 -15.18 9.87 12.35
C VAL A 217 -16.30 8.85 12.46
N ASN A 218 -16.27 7.83 11.59
CA ASN A 218 -17.31 6.81 11.54
C ASN A 218 -16.64 5.46 11.32
N HIS A 219 -16.73 4.57 12.30
CA HIS A 219 -16.19 3.21 12.20
C HIS A 219 -17.38 2.26 12.21
N LYS A 220 -17.84 1.89 11.01
CA LYS A 220 -19.03 1.05 10.90
C LYS A 220 -18.86 -0.35 11.47
N PRO A 221 -17.70 -1.02 11.37
CA PRO A 221 -17.58 -2.35 12.01
C PRO A 221 -17.94 -2.35 13.48
N SER A 222 -17.69 -1.26 14.21
CA SER A 222 -18.02 -1.17 15.63
C SER A 222 -19.20 -0.24 15.90
N ASN A 223 -19.80 0.33 14.85
CA ASN A 223 -20.90 1.28 15.01
C ASN A 223 -20.50 2.45 15.93
N THR A 224 -19.27 2.92 15.75
CA THR A 224 -18.74 4.01 16.55
C THR A 224 -18.72 5.28 15.70
N LYS A 225 -19.43 6.31 16.15
CA LYS A 225 -19.42 7.63 15.53
C LYS A 225 -18.88 8.62 16.54
N VAL A 226 -17.79 9.30 16.18
CA VAL A 226 -17.16 10.27 17.07
C VAL A 226 -17.03 11.59 16.35
N ASP A 227 -17.52 12.66 16.98
CA ASP A 227 -17.28 14.03 16.55
C ASP A 227 -16.31 14.66 17.54
N LYS A 228 -15.16 15.11 17.06
CA LYS A 228 -14.12 15.65 17.92
C LYS A 228 -13.84 17.10 17.54
N ARG A 229 -14.05 18.01 18.49
CA ARG A 229 -13.70 19.41 18.32
C ARG A 229 -12.19 19.57 18.50
N VAL A 230 -11.53 20.13 17.49
CA VAL A 230 -10.09 20.35 17.51
C VAL A 230 -9.85 21.83 17.79
N GLU A 231 -9.35 22.13 18.99
CA GLU A 231 -9.17 23.52 19.35
C GLU A 231 -7.69 23.90 19.36
N PRO A 232 -7.36 25.15 19.04
CA PRO A 232 -5.96 25.58 19.11
C PRO A 232 -5.46 25.60 20.54
N LYS A 233 -4.20 25.19 20.71
CA LYS A 233 -3.58 25.19 22.03
C LYS A 233 -2.85 26.50 22.23
N SER A 234 -3.20 27.23 23.29
CA SER A 234 -2.61 28.52 23.60
C SER A 234 -1.63 28.36 24.75
N CYS A 235 -0.45 28.95 24.60
CA CYS A 235 0.58 28.86 25.63
C CYS A 235 1.75 29.78 25.32
N ILE B 2 16.28 -16.62 -8.65
CA ILE B 2 16.17 -15.57 -9.66
C ILE B 2 15.56 -14.31 -9.05
N VAL B 3 16.34 -13.24 -9.02
CA VAL B 3 15.91 -11.96 -8.46
C VAL B 3 15.74 -10.97 -9.61
N LEU B 4 14.57 -10.34 -9.66
CA LEU B 4 14.28 -9.30 -10.63
C LEU B 4 14.38 -7.94 -9.96
N THR B 5 15.20 -7.06 -10.53
CA THR B 5 15.42 -5.71 -10.01
C THR B 5 14.94 -4.71 -11.05
N GLN B 6 13.94 -3.92 -10.69
CA GLN B 6 13.38 -2.91 -11.56
C GLN B 6 14.01 -1.55 -11.29
N SER B 7 13.98 -0.70 -12.32
CA SER B 7 14.57 0.64 -12.23
C SER B 7 13.95 1.51 -13.31
N PRO B 8 13.75 2.81 -13.04
CA PRO B 8 14.02 3.42 -11.74
C PRO B 8 12.89 3.16 -10.73
N GLY B 9 13.09 3.56 -9.48
CA GLY B 9 12.04 3.39 -8.49
C GLY B 9 10.80 4.19 -8.80
N THR B 10 10.96 5.35 -9.43
CA THR B 10 9.85 6.22 -9.78
C THR B 10 10.17 6.91 -11.10
N LEU B 11 9.17 6.98 -11.98
CA LEU B 11 9.30 7.65 -13.26
C LEU B 11 8.32 8.81 -13.30
N SER B 12 8.84 10.03 -13.43
CA SER B 12 8.03 11.24 -13.44
C SER B 12 7.94 11.75 -14.88
N LEU B 13 6.78 11.57 -15.50
CA LEU B 13 6.58 11.90 -16.90
C LEU B 13 5.23 12.57 -17.09
N SER B 14 5.03 13.07 -18.30
CA SER B 14 3.78 13.69 -18.74
C SER B 14 3.20 12.88 -19.89
N PRO B 15 1.91 13.04 -20.18
CA PRO B 15 1.35 12.44 -21.39
C PRO B 15 2.14 12.88 -22.61
N GLY B 16 2.40 11.94 -23.51
CA GLY B 16 3.21 12.18 -24.68
C GLY B 16 4.66 11.75 -24.54
N ASP B 17 5.16 11.63 -23.32
CA ASP B 17 6.53 11.21 -23.09
C ASP B 17 6.66 9.68 -23.22
N ARG B 18 7.86 9.24 -23.52
CA ARG B 18 8.16 7.82 -23.69
C ARG B 18 8.65 7.25 -22.36
N ALA B 19 7.97 6.22 -21.87
CA ALA B 19 8.36 5.54 -20.64
C ALA B 19 9.14 4.28 -21.00
N THR B 20 10.32 4.12 -20.38
CA THR B 20 11.14 2.93 -20.57
C THR B 20 11.46 2.37 -19.18
N LEU B 21 10.75 1.32 -18.80
CA LEU B 21 10.92 0.68 -17.51
C LEU B 21 11.83 -0.52 -17.67
N SER B 22 12.83 -0.62 -16.78
CA SER B 22 13.84 -1.66 -16.87
C SER B 22 13.54 -2.79 -15.89
N CYS B 23 13.86 -4.02 -16.29
CA CYS B 23 13.76 -5.18 -15.43
C CYS B 23 15.01 -6.02 -15.65
N ARG B 24 15.80 -6.18 -14.59
CA ARG B 24 17.05 -6.92 -14.64
C ARG B 24 16.95 -8.17 -13.78
N ALA B 25 17.39 -9.30 -14.33
CA ALA B 25 17.40 -10.56 -13.61
C ALA B 25 18.80 -10.89 -13.12
N SER B 26 18.87 -11.64 -12.02
CA SER B 26 20.16 -12.07 -11.50
C SER B 26 20.82 -13.09 -12.42
N GLN B 27 20.03 -13.82 -13.19
CA GLN B 27 20.53 -14.82 -14.12
C GLN B 27 19.95 -14.57 -15.51
N THR B 28 20.54 -15.22 -16.50
CA THR B 28 20.01 -15.13 -17.86
C THR B 28 18.69 -15.88 -17.94
N ILE B 29 17.65 -15.22 -18.43
CA ILE B 29 16.33 -15.82 -18.58
C ILE B 29 15.88 -15.68 -20.03
N ALA B 30 15.15 -16.67 -20.50
CA ALA B 30 14.59 -16.63 -21.85
C ALA B 30 13.38 -15.72 -21.88
N SER B 31 13.16 -15.09 -23.04
CA SER B 31 12.08 -14.12 -23.18
C SER B 31 10.72 -14.74 -22.88
N THR B 32 10.58 -16.05 -23.11
CA THR B 32 9.31 -16.73 -22.89
C THR B 32 8.83 -16.63 -21.44
N TYR B 33 9.72 -16.30 -20.50
CA TYR B 33 9.43 -16.36 -19.09
C TYR B 33 9.31 -14.99 -18.43
N VAL B 34 9.21 -13.91 -19.20
CA VAL B 34 9.15 -12.56 -18.69
C VAL B 34 7.74 -12.02 -18.90
N ALA B 35 7.09 -11.63 -17.81
CA ALA B 35 5.76 -11.04 -17.85
C ALA B 35 5.79 -9.66 -17.20
N TRP B 36 4.86 -8.80 -17.62
CA TRP B 36 4.72 -7.46 -17.08
C TRP B 36 3.29 -7.24 -16.63
N TYR B 37 3.10 -6.48 -15.55
CA TYR B 37 1.79 -6.23 -14.99
C TYR B 37 1.62 -4.76 -14.67
N GLN B 38 0.38 -4.29 -14.76
CA GLN B 38 0.00 -2.94 -14.38
C GLN B 38 -0.94 -3.02 -13.18
N GLN B 39 -0.75 -2.10 -12.22
CA GLN B 39 -1.61 -2.07 -11.04
C GLN B 39 -1.89 -0.64 -10.65
N LYS B 40 -3.16 -0.32 -10.45
CA LYS B 40 -3.62 0.97 -9.99
C LYS B 40 -4.16 0.87 -8.57
N PRO B 41 -4.18 1.97 -7.81
CA PRO B 41 -4.62 1.90 -6.42
C PRO B 41 -6.02 1.33 -6.29
N GLY B 42 -6.16 0.36 -5.38
CA GLY B 42 -7.46 -0.27 -5.14
C GLY B 42 -7.91 -1.23 -6.20
N GLN B 43 -6.99 -1.80 -6.98
CA GLN B 43 -7.34 -2.73 -8.03
C GLN B 43 -6.34 -3.88 -8.08
N ALA B 44 -6.82 -5.05 -8.49
CA ALA B 44 -5.94 -6.17 -8.72
C ALA B 44 -5.01 -5.88 -9.91
N PRO B 45 -3.83 -6.47 -9.93
CA PRO B 45 -2.91 -6.24 -11.06
C PRO B 45 -3.51 -6.69 -12.38
N ARG B 46 -3.00 -6.11 -13.46
CA ARG B 46 -3.49 -6.36 -14.81
C ARG B 46 -2.32 -6.81 -15.69
N LEU B 47 -2.48 -7.96 -16.33
CA LEU B 47 -1.44 -8.47 -17.22
C LEU B 47 -1.31 -7.59 -18.45
N LEU B 48 -0.08 -7.18 -18.75
CA LEU B 48 0.20 -6.35 -19.92
C LEU B 48 0.94 -7.15 -21.00
N LEU B 49 2.10 -7.72 -20.66
CA LEU B 49 2.91 -8.46 -21.61
C LEU B 49 3.18 -9.85 -21.06
N HIS B 50 3.01 -10.86 -21.90
CA HIS B 50 3.38 -12.23 -21.56
C HIS B 50 4.41 -12.72 -22.58
N GLN B 51 5.29 -13.59 -22.12
CA GLN B 51 6.38 -14.13 -22.94
C GLN B 51 7.25 -13.02 -23.51
N GLY B 52 7.54 -12.03 -22.67
CA GLY B 52 8.47 -10.96 -23.04
C GLY B 52 7.98 -9.86 -23.94
N TYR B 53 7.27 -10.21 -25.01
CA TYR B 53 6.85 -9.20 -25.98
C TYR B 53 5.40 -9.31 -26.44
N ASN B 54 4.66 -10.35 -26.07
CA ASN B 54 3.29 -10.52 -26.56
C ASN B 54 2.33 -9.71 -25.70
N ARG B 55 1.59 -8.81 -26.32
CA ARG B 55 0.61 -8.01 -25.59
C ARG B 55 -0.60 -8.87 -25.25
N ALA B 56 -1.05 -8.76 -24.00
CA ALA B 56 -2.24 -9.48 -23.58
C ALA B 56 -3.49 -8.90 -24.26
N THR B 57 -4.56 -9.67 -24.23
CA THR B 57 -5.81 -9.28 -24.88
C THR B 57 -6.32 -7.97 -24.29
N GLY B 58 -6.50 -6.96 -25.14
CA GLY B 58 -6.98 -5.67 -24.72
C GLY B 58 -5.90 -4.66 -24.38
N VAL B 59 -4.64 -5.05 -24.41
CA VAL B 59 -3.53 -4.13 -24.13
C VAL B 59 -3.29 -3.27 -25.37
N PRO B 60 -3.30 -1.94 -25.25
CA PRO B 60 -3.19 -1.08 -26.43
C PRO B 60 -1.81 -1.19 -27.08
N ASP B 61 -1.71 -0.56 -28.25
CA ASP B 61 -0.49 -0.65 -29.06
C ASP B 61 0.71 0.00 -28.38
N ARG B 62 0.50 1.06 -27.60
CA ARG B 62 1.62 1.80 -27.04
C ARG B 62 2.45 0.96 -26.08
N PHE B 63 1.83 -0.02 -25.43
CA PHE B 63 2.55 -0.93 -24.54
C PHE B 63 3.28 -1.96 -25.38
N SER B 64 4.62 -1.87 -25.42
CA SER B 64 5.44 -2.85 -26.11
C SER B 64 6.53 -3.34 -25.17
N GLY B 65 7.02 -4.54 -25.44
CA GLY B 65 8.12 -5.10 -24.68
C GLY B 65 9.32 -5.40 -25.56
N SER B 66 10.50 -5.46 -24.97
CA SER B 66 11.71 -5.69 -25.74
C SER B 66 12.82 -6.11 -24.79
N GLY B 67 13.90 -6.62 -25.37
CA GLY B 67 15.06 -7.06 -24.62
C GLY B 67 15.24 -8.56 -24.68
N SER B 68 16.37 -9.00 -24.12
CA SER B 68 16.71 -10.42 -24.10
C SER B 68 17.81 -10.62 -23.07
N GLY B 69 18.11 -11.90 -22.80
CA GLY B 69 19.16 -12.25 -21.86
C GLY B 69 18.88 -11.81 -20.44
N THR B 70 19.45 -10.67 -20.05
CA THR B 70 19.34 -10.15 -18.70
C THR B 70 18.53 -8.86 -18.61
N ALA B 71 18.51 -8.06 -19.65
CA ALA B 71 17.81 -6.77 -19.65
C ALA B 71 16.53 -6.89 -20.45
N TYR B 72 15.41 -6.55 -19.81
CA TYR B 72 14.11 -6.50 -20.48
C TYR B 72 13.46 -5.16 -20.17
N SER B 73 12.56 -4.74 -21.05
CA SER B 73 11.99 -3.40 -20.98
C SER B 73 10.50 -3.41 -21.30
N LEU B 74 9.74 -2.67 -20.52
CA LEU B 74 8.38 -2.27 -20.88
C LEU B 74 8.46 -0.84 -21.40
N THR B 75 8.10 -0.64 -22.66
CA THR B 75 8.16 0.67 -23.28
C THR B 75 6.77 1.12 -23.68
N ILE B 76 6.34 2.25 -23.13
CA ILE B 76 5.12 2.93 -23.57
C ILE B 76 5.54 4.00 -24.57
N SER B 77 5.07 3.88 -25.81
CA SER B 77 5.46 4.79 -26.87
C SER B 77 5.29 6.24 -26.43
N SER B 78 4.08 6.61 -26.06
CA SER B 78 3.80 7.89 -25.41
C SER B 78 2.72 7.64 -24.37
N LEU B 79 2.95 8.13 -23.15
CA LEU B 79 1.98 7.92 -22.09
C LEU B 79 0.64 8.56 -22.43
N GLU B 80 -0.42 7.85 -22.09
CA GLU B 80 -1.75 8.42 -22.05
C GLU B 80 -2.13 8.73 -20.61
N PRO B 81 -3.15 9.56 -20.39
CA PRO B 81 -3.50 9.92 -19.00
C PRO B 81 -3.77 8.73 -18.08
N ASP B 82 -4.17 7.58 -18.63
CA ASP B 82 -4.51 6.42 -17.80
C ASP B 82 -3.36 5.44 -17.64
N ASP B 83 -2.14 5.85 -17.96
CA ASP B 83 -0.97 4.98 -17.84
C ASP B 83 -0.21 5.18 -16.54
N PHE B 84 -0.59 6.16 -15.72
CA PHE B 84 0.10 6.43 -14.47
C PHE B 84 -0.32 5.37 -13.44
N ALA B 85 0.59 4.48 -13.10
CA ALA B 85 0.32 3.36 -12.21
C ALA B 85 1.65 2.74 -11.81
N VAL B 86 1.57 1.62 -11.09
CA VAL B 86 2.74 0.83 -10.72
C VAL B 86 2.85 -0.34 -11.68
N TYR B 87 4.07 -0.62 -12.14
CA TYR B 87 4.32 -1.70 -13.08
C TYR B 87 5.33 -2.68 -12.49
N TYR B 88 4.98 -3.96 -12.51
CA TYR B 88 5.84 -5.03 -12.02
C TYR B 88 6.23 -5.94 -13.17
N CYS B 89 7.48 -6.41 -13.16
CA CYS B 89 7.88 -7.51 -14.02
C CYS B 89 7.92 -8.81 -13.21
N GLN B 90 7.75 -9.93 -13.90
CA GLN B 90 7.64 -11.22 -13.24
C GLN B 90 8.42 -12.27 -14.02
N HIS B 91 8.96 -13.23 -13.29
CA HIS B 91 9.59 -14.41 -13.86
C HIS B 91 8.56 -15.54 -13.86
N PHE B 92 8.00 -15.83 -15.03
CA PHE B 92 7.01 -16.90 -15.19
C PHE B 92 7.71 -18.05 -15.91
N GLY B 93 8.40 -18.88 -15.14
CA GLY B 93 9.21 -19.95 -15.69
C GLY B 93 8.43 -21.22 -15.94
N THR B 94 9.16 -22.28 -16.27
CA THR B 94 8.55 -23.57 -16.56
C THR B 94 8.00 -24.23 -15.30
N SER B 95 8.43 -23.79 -14.12
CA SER B 95 7.94 -24.32 -12.86
C SER B 95 8.12 -23.27 -11.79
N PRO B 96 7.30 -23.29 -10.74
CA PRO B 96 7.49 -22.37 -9.60
C PRO B 96 8.84 -22.59 -8.95
N PRO B 97 9.29 -21.69 -8.05
CA PRO B 97 8.62 -20.48 -7.56
C PRO B 97 8.61 -19.32 -8.55
N TYR B 98 7.68 -18.40 -8.36
CA TYR B 98 7.58 -17.18 -9.18
C TYR B 98 8.02 -15.98 -8.37
N SER B 99 8.79 -15.11 -8.99
CA SER B 99 9.31 -13.92 -8.33
C SER B 99 8.94 -12.67 -9.12
N PHE B 100 8.60 -11.61 -8.40
CA PHE B 100 8.31 -10.31 -8.99
C PHE B 100 9.41 -9.32 -8.67
N GLY B 101 9.49 -8.27 -9.48
CA GLY B 101 10.32 -7.14 -9.15
C GLY B 101 9.67 -6.27 -8.09
N GLN B 102 10.45 -5.33 -7.57
CA GLN B 102 9.92 -4.42 -6.55
C GLN B 102 8.91 -3.45 -7.15
N GLY B 103 8.97 -3.20 -8.45
CA GLY B 103 8.00 -2.35 -9.11
C GLY B 103 8.59 -1.01 -9.50
N THR B 104 7.90 -0.34 -10.43
CA THR B 104 8.24 1.01 -10.87
C THR B 104 6.95 1.81 -10.93
N LYS B 105 6.91 2.93 -10.22
CA LYS B 105 5.74 3.81 -10.22
C LYS B 105 5.96 4.96 -11.19
N VAL B 106 5.01 5.13 -12.10
CA VAL B 106 5.02 6.24 -13.05
C VAL B 106 4.00 7.26 -12.57
N ASP B 107 4.47 8.42 -12.11
CA ASP B 107 3.58 9.46 -11.62
C ASP B 107 3.63 10.66 -12.56
N ILE B 108 2.81 11.66 -12.25
CA ILE B 108 2.64 12.82 -13.11
C ILE B 108 3.72 13.85 -12.78
N LYS B 109 4.43 14.30 -13.82
CA LYS B 109 5.50 15.28 -13.65
C LYS B 109 4.92 16.66 -13.38
N ARG B 110 5.55 17.39 -12.48
CA ARG B 110 5.21 18.78 -12.22
C ARG B 110 6.42 19.48 -11.63
N THR B 111 6.27 20.77 -11.35
CA THR B 111 7.35 21.55 -10.78
C THR B 111 7.58 21.13 -9.33
N VAL B 112 8.80 21.37 -8.85
CA VAL B 112 9.16 21.00 -7.49
C VAL B 112 8.40 21.89 -6.51
N ALA B 113 7.77 21.27 -5.52
CA ALA B 113 7.06 21.97 -4.46
C ALA B 113 7.63 21.50 -3.13
N ALA B 114 8.16 22.45 -2.35
CA ALA B 114 8.68 22.11 -1.04
C ALA B 114 7.53 21.83 -0.07
N PRO B 115 7.68 20.88 0.84
CA PRO B 115 6.61 20.61 1.80
C PRO B 115 6.52 21.69 2.85
N SER B 116 5.32 21.85 3.40
CA SER B 116 5.13 22.54 4.67
C SER B 116 5.21 21.50 5.77
N VAL B 117 6.03 21.76 6.78
CA VAL B 117 6.28 20.82 7.86
C VAL B 117 5.56 21.31 9.10
N PHE B 118 4.84 20.40 9.76
CA PHE B 118 4.16 20.69 11.01
C PHE B 118 4.39 19.53 11.97
N ILE B 119 4.42 19.83 13.26
CA ILE B 119 4.59 18.82 14.29
C ILE B 119 3.48 19.00 15.32
N PHE B 120 2.91 17.88 15.75
CA PHE B 120 1.79 17.88 16.70
C PHE B 120 2.19 17.15 17.97
N PRO B 121 2.08 17.78 19.13
CA PRO B 121 2.38 17.09 20.39
C PRO B 121 1.31 16.06 20.69
N PRO B 122 1.58 15.12 21.59
CA PRO B 122 0.52 14.22 22.04
C PRO B 122 -0.57 15.00 22.78
N SER B 123 -1.82 14.70 22.46
CA SER B 123 -2.93 15.34 23.14
C SER B 123 -2.98 14.92 24.60
N ASP B 124 -3.64 15.75 25.42
CA ASP B 124 -3.84 15.39 26.83
C ASP B 124 -4.75 14.20 26.97
N GLU B 125 -5.71 14.03 26.05
CA GLU B 125 -6.62 12.89 26.11
C GLU B 125 -5.87 11.58 25.94
N GLN B 126 -4.91 11.54 25.03
CA GLN B 126 -4.16 10.30 24.79
C GLN B 126 -3.21 10.00 25.92
N LEU B 127 -2.54 11.03 26.46
CA LEU B 127 -1.59 10.82 27.54
C LEU B 127 -2.27 10.23 28.76
N LYS B 128 -3.54 10.59 28.99
CA LYS B 128 -4.25 10.08 30.16
C LYS B 128 -4.49 8.57 30.06
N SER B 129 -4.33 7.99 28.87
CA SER B 129 -4.47 6.55 28.67
C SER B 129 -3.13 5.84 28.59
N GLY B 130 -2.02 6.54 28.84
CA GLY B 130 -0.73 5.88 28.92
C GLY B 130 0.00 5.69 27.62
N THR B 131 -0.28 6.52 26.62
CA THR B 131 0.39 6.44 25.32
C THR B 131 0.60 7.84 24.79
N ALA B 132 1.71 8.03 24.07
CA ALA B 132 2.06 9.33 23.50
C ALA B 132 2.37 9.15 22.02
N SER B 133 1.55 9.75 21.17
CA SER B 133 1.77 9.76 19.73
C SER B 133 2.16 11.18 19.30
N VAL B 134 3.24 11.29 18.54
CA VAL B 134 3.72 12.56 18.01
C VAL B 134 3.65 12.48 16.50
N VAL B 135 2.93 13.42 15.88
CA VAL B 135 2.64 13.39 14.46
C VAL B 135 3.43 14.50 13.77
N CYS B 136 4.11 14.15 12.68
CA CYS B 136 4.79 15.09 11.82
C CYS B 136 4.12 15.08 10.45
N LEU B 137 3.80 16.26 9.94
CA LEU B 137 3.03 16.39 8.70
C LEU B 137 3.86 17.08 7.64
N LEU B 138 3.94 16.48 6.46
CA LEU B 138 4.54 17.07 5.27
C LEU B 138 3.44 17.27 4.25
N ASN B 139 3.18 18.53 3.88
CA ASN B 139 1.97 18.91 3.17
C ASN B 139 2.30 19.39 1.76
N ASN B 140 1.74 18.68 0.77
CA ASN B 140 1.69 19.15 -0.63
C ASN B 140 3.09 19.43 -1.18
N PHE B 141 3.86 18.35 -1.33
CA PHE B 141 5.20 18.45 -1.88
C PHE B 141 5.33 17.57 -3.12
N TYR B 142 6.39 17.84 -3.89
CA TYR B 142 6.72 17.06 -5.07
C TYR B 142 8.20 17.26 -5.36
N PRO B 143 8.94 16.20 -5.73
CA PRO B 143 8.51 14.82 -5.94
C PRO B 143 8.23 14.05 -4.65
N ARG B 144 7.92 12.75 -4.80
CA ARG B 144 7.52 11.94 -3.66
C ARG B 144 8.69 11.65 -2.72
N GLU B 145 9.91 11.62 -3.25
CA GLU B 145 11.09 11.33 -2.44
C GLU B 145 11.23 12.34 -1.31
N ALA B 146 11.07 11.88 -0.07
CA ALA B 146 11.19 12.72 1.10
C ALA B 146 11.78 11.91 2.24
N LYS B 147 12.60 12.56 3.06
CA LYS B 147 13.27 11.91 4.18
C LYS B 147 12.78 12.53 5.48
N VAL B 148 12.19 11.70 6.34
CA VAL B 148 11.67 12.14 7.64
C VAL B 148 12.44 11.38 8.71
N GLN B 149 13.08 12.11 9.61
CA GLN B 149 13.88 11.54 10.68
C GLN B 149 13.39 12.08 12.01
N TRP B 150 13.00 11.18 12.92
CA TRP B 150 12.59 11.55 14.27
C TRP B 150 13.82 11.59 15.17
N LYS B 151 13.95 12.66 15.94
CA LYS B 151 15.01 12.79 16.94
C LYS B 151 14.39 13.19 18.26
N VAL B 152 14.71 12.44 19.31
CA VAL B 152 14.23 12.71 20.66
C VAL B 152 15.45 12.95 21.53
N ASP B 153 15.59 14.19 22.02
CA ASP B 153 16.77 14.63 22.75
C ASP B 153 18.03 14.36 21.94
N ASN B 154 18.84 13.37 22.36
CA ASN B 154 20.12 13.10 21.73
C ASN B 154 20.13 11.79 20.96
N ALA B 155 18.97 11.30 20.52
CA ALA B 155 18.90 9.99 19.90
C ALA B 155 17.99 10.04 18.68
N LEU B 156 18.54 9.71 17.52
CA LEU B 156 17.70 9.46 16.35
C LEU B 156 16.85 8.23 16.59
N GLN B 157 15.56 8.34 16.25
CA GLN B 157 14.61 7.28 16.55
C GLN B 157 14.53 6.26 15.42
N SER B 158 14.36 5.00 15.79
CA SER B 158 14.19 3.93 14.83
C SER B 158 13.30 2.85 15.44
N GLY B 159 12.42 2.28 14.63
CA GLY B 159 11.57 1.19 15.06
C GLY B 159 10.39 1.59 15.93
N ASN B 160 10.06 2.88 16.02
CA ASN B 160 8.92 3.30 16.82
C ASN B 160 8.06 4.34 16.08
N SER B 161 8.19 4.44 14.76
CA SER B 161 7.39 5.35 13.97
C SER B 161 6.85 4.61 12.73
N GLN B 162 5.82 5.20 12.14
CA GLN B 162 5.23 4.66 10.91
C GLN B 162 4.83 5.81 10.00
N GLU B 163 4.95 5.58 8.69
CA GLU B 163 4.69 6.59 7.69
C GLU B 163 3.44 6.24 6.88
N SER B 164 2.84 7.27 6.30
CA SER B 164 1.67 7.12 5.45
C SER B 164 1.65 8.27 4.46
N VAL B 165 1.56 7.95 3.16
CA VAL B 165 1.59 8.95 2.09
C VAL B 165 0.30 8.86 1.31
N THR B 166 -0.27 10.02 0.99
CA THR B 166 -1.46 10.07 0.14
C THR B 166 -1.08 9.84 -1.32
N GLU B 167 -2.08 9.49 -2.12
CA GLU B 167 -1.86 9.40 -3.55
C GLU B 167 -1.57 10.78 -4.13
N GLN B 168 -1.00 10.79 -5.34
CA GLN B 168 -0.73 12.06 -6.00
C GLN B 168 -2.04 12.81 -6.22
N ASP B 169 -2.08 14.06 -5.75
CA ASP B 169 -3.32 14.81 -5.71
C ASP B 169 -3.89 15.01 -7.11
N SER B 170 -5.23 15.07 -7.18
CA SER B 170 -5.89 15.28 -8.46
C SER B 170 -5.89 16.73 -8.89
N LYS B 171 -5.77 17.66 -7.94
CA LYS B 171 -5.76 19.08 -8.28
C LYS B 171 -4.36 19.56 -8.65
N ASP B 172 -3.41 19.43 -7.72
CA ASP B 172 -2.08 19.99 -7.91
C ASP B 172 -0.98 18.93 -8.09
N SER B 173 -1.34 17.64 -8.09
CA SER B 173 -0.39 16.55 -8.35
C SER B 173 0.75 16.52 -7.32
N THR B 174 0.47 16.88 -6.08
CA THR B 174 1.45 16.82 -5.01
C THR B 174 1.19 15.62 -4.10
N TYR B 175 2.16 15.37 -3.22
CA TYR B 175 2.06 14.33 -2.20
C TYR B 175 2.05 14.95 -0.82
N SER B 176 1.49 14.20 0.13
CA SER B 176 1.53 14.57 1.53
C SER B 176 1.86 13.33 2.35
N LEU B 177 2.59 13.53 3.44
CA LEU B 177 3.08 12.44 4.27
C LEU B 177 2.74 12.70 5.73
N SER B 178 2.46 11.62 6.46
CA SER B 178 2.19 11.67 7.89
C SER B 178 3.04 10.63 8.59
N SER B 179 3.88 11.08 9.52
CA SER B 179 4.73 10.20 10.31
C SER B 179 4.32 10.29 11.77
N THR B 180 4.11 9.14 12.40
CA THR B 180 3.64 9.07 13.78
C THR B 180 4.68 8.36 14.63
N LEU B 181 5.30 9.10 15.55
CA LEU B 181 6.19 8.52 16.55
C LEU B 181 5.36 8.15 17.76
N THR B 182 5.38 6.87 18.13
CA THR B 182 4.55 6.35 19.21
C THR B 182 5.45 5.84 20.33
N LEU B 183 5.25 6.38 21.53
CA LEU B 183 6.00 5.98 22.71
C LEU B 183 5.03 5.71 23.86
N SER B 184 5.47 4.90 24.80
CA SER B 184 4.75 4.76 26.05
C SER B 184 4.82 6.06 26.85
N LYS B 185 3.79 6.31 27.66
CA LYS B 185 3.74 7.56 28.42
C LYS B 185 4.94 7.68 29.35
N ALA B 186 5.36 6.58 29.97
CA ALA B 186 6.50 6.62 30.88
C ALA B 186 7.78 6.99 30.14
N ASP B 187 7.96 6.47 28.92
CA ASP B 187 9.15 6.82 28.15
C ASP B 187 9.05 8.24 27.59
N TYR B 188 7.83 8.66 27.19
CA TYR B 188 7.66 9.98 26.62
C TYR B 188 8.05 11.08 27.60
N GLU B 189 7.71 10.90 28.88
CA GLU B 189 8.00 11.90 29.90
C GLU B 189 9.44 11.87 30.37
N LYS B 190 10.27 10.97 29.84
CA LYS B 190 11.69 10.96 30.17
C LYS B 190 12.48 11.99 29.40
N HIS B 191 11.96 12.46 28.26
CA HIS B 191 12.69 13.34 27.36
C HIS B 191 11.93 14.65 27.19
N LYS B 192 12.58 15.60 26.53
CA LYS B 192 12.03 16.94 26.37
C LYS B 192 11.90 17.37 24.92
N VAL B 193 12.99 17.30 24.15
CA VAL B 193 13.00 17.83 22.78
C VAL B 193 12.58 16.73 21.82
N TYR B 194 11.43 16.90 21.18
CA TYR B 194 10.94 16.00 20.15
C TYR B 194 10.97 16.74 18.82
N ALA B 195 11.79 16.27 17.89
CA ALA B 195 12.05 16.97 16.64
C ALA B 195 11.75 16.07 15.44
N CYS B 196 11.37 16.71 14.34
CA CYS B 196 11.10 16.04 13.08
C CYS B 196 11.90 16.75 11.99
N GLU B 197 12.94 16.10 11.49
CA GLU B 197 13.79 16.65 10.46
C GLU B 197 13.32 16.16 9.09
N VAL B 198 13.15 17.10 8.16
CA VAL B 198 12.57 16.81 6.85
C VAL B 198 13.56 17.25 5.78
N THR B 199 13.97 16.31 4.93
CA THR B 199 14.81 16.59 3.78
C THR B 199 13.99 16.40 2.51
N HIS B 200 14.00 17.41 1.65
CA HIS B 200 13.29 17.34 0.39
C HIS B 200 13.98 18.21 -0.64
N GLN B 201 13.72 17.91 -1.92
CA GLN B 201 14.37 18.62 -3.02
C GLN B 201 14.01 20.10 -3.02
N GLY B 202 12.86 20.47 -2.48
CA GLY B 202 12.42 21.85 -2.51
C GLY B 202 12.91 22.73 -1.39
N LEU B 203 13.54 22.15 -0.37
CA LEU B 203 14.01 22.90 0.80
C LEU B 203 15.51 23.13 0.67
N SER B 204 15.92 24.40 0.76
CA SER B 204 17.34 24.74 0.65
C SER B 204 18.18 23.99 1.67
N SER B 205 17.60 23.62 2.81
CA SER B 205 18.27 22.86 3.84
C SER B 205 17.23 22.09 4.61
N PRO B 206 17.62 20.99 5.27
CA PRO B 206 16.65 20.24 6.09
C PRO B 206 15.92 21.11 7.11
N VAL B 207 14.59 21.10 7.04
CA VAL B 207 13.75 21.88 7.94
C VAL B 207 13.41 21.02 9.15
N THR B 208 13.63 21.56 10.34
CA THR B 208 13.36 20.86 11.59
C THR B 208 12.23 21.56 12.32
N LYS B 209 11.18 20.80 12.64
CA LYS B 209 10.09 21.25 13.48
C LYS B 209 10.11 20.46 14.77
N SER B 210 10.14 21.15 15.90
CA SER B 210 10.30 20.51 17.20
C SER B 210 9.47 21.22 18.25
N PHE B 211 9.28 20.54 19.38
CA PHE B 211 8.65 21.13 20.55
C PHE B 211 9.31 20.55 21.80
N ASN B 212 9.17 21.29 22.91
CA ASN B 212 9.69 20.86 24.19
C ASN B 212 8.54 20.35 25.06
N ARG B 213 8.69 19.12 25.56
CA ARG B 213 7.65 18.53 26.40
C ARG B 213 7.52 19.33 27.70
N GLY B 214 6.27 19.59 28.09
CA GLY B 214 6.00 20.34 29.30
C GLY B 214 6.05 21.84 29.09
N GLU B 215 7.00 22.28 28.27
CA GLU B 215 7.15 23.71 28.00
C GLU B 215 6.14 24.16 26.97
N CYS B 216 6.32 25.36 26.44
CA CYS B 216 5.32 25.99 25.59
C CYS B 216 5.92 26.98 24.61
C1 NAG C . -8.96 -12.70 19.29
C2 NAG C . -10.14 -12.23 18.43
C3 NAG C . -11.15 -11.49 19.28
C4 NAG C . -11.58 -12.37 20.46
C5 NAG C . -10.36 -12.84 21.25
C6 NAG C . -10.70 -13.80 22.36
C7 NAG C . -10.06 -11.65 16.05
C8 NAG C . -9.52 -10.71 15.02
N2 NAG C . -9.70 -11.41 17.32
O3 NAG C . -12.29 -11.15 18.50
O4 NAG C . -12.45 -11.63 21.33
O5 NAG C . -9.45 -13.53 20.37
O6 NAG C . -10.99 -15.10 21.85
O7 NAG C . -10.80 -12.59 15.76
#